data_2FEQ
#
_entry.id   2FEQ
#
_cell.length_a   71.240
_cell.length_b   72.390
_cell.length_c   73.060
_cell.angle_alpha   90.00
_cell.angle_beta   101.01
_cell.angle_gamma   90.00
#
_symmetry.space_group_name_H-M   'C 1 2 1'
#
loop_
_entity.id
_entity.type
_entity.pdbx_description
1 polymer 'Thrombin light chain'
2 polymer 'Thrombin heavy chain'
3 polymer 'Decapeptide Hirudin Analogue'
4 non-polymer N-(CARBOXYMETHYL)-3-CYCLOHEXYL-D-ALANYL-N-({4-[(E)-AMINO(IMINO)METHYL]-1,3-THIAZOL-2-YL}METHYL)-L-PROLINAMIDE
5 water water
#
loop_
_entity_poly.entity_id
_entity_poly.type
_entity_poly.pdbx_seq_one_letter_code
_entity_poly.pdbx_strand_id
1 'polypeptide(L)' TFGSGEADCGLRPLFEKKSLEDKTERELLESYIDGR L
2 'polypeptide(L)'
;IVEGSDAEIGMSPWQVMLFRKSPQELLCGASLISDRWVLTAAHCLLYPPWDKNFTENDLLVRIGKHSRTRYERNIEKISM
LEKIYIHPRYNWRENLDRDIALMKLKKPVAFSDYIHPVCLPDRETAASLLQAGYKGRVTGWGNLKETWTANVGKGQPSVL
QVVNLPIVERPVCKDSTRIRITDNMFCAGYKPDEGKRGDACEGDSGGPFVMKSPFNNRWYQMGIVSWGEGCDRDGKYGFY
THVFRLKKWIQKVIDQFGE
;
H
3 'polypeptide(L)' (SIN)YEPI(HYP)EE(SMF)(ALC)Q D
#
# COMPACT_ATOMS: atom_id res chain seq x y z
N ALA A 7 -0.35 2.84 -19.14
CA ALA A 7 -0.02 2.03 -20.36
C ALA A 7 0.93 0.89 -20.00
N ASP A 8 2.13 1.21 -19.54
CA ASP A 8 3.06 0.17 -19.15
C ASP A 8 3.19 0.08 -17.62
N CYS A 9 2.04 0.22 -16.96
CA CYS A 9 1.98 0.13 -15.49
C CYS A 9 2.29 -1.32 -15.09
N GLY A 10 2.69 -1.52 -13.84
CA GLY A 10 2.97 -2.85 -13.35
C GLY A 10 4.20 -3.59 -13.87
N LEU A 11 4.90 -3.00 -14.83
CA LEU A 11 6.12 -3.60 -15.40
C LEU A 11 7.32 -2.87 -14.81
N ARG A 12 8.05 -3.53 -13.93
CA ARG A 12 9.20 -2.90 -13.29
C ARG A 12 10.42 -2.80 -14.18
N PRO A 13 11.08 -1.63 -14.19
CA PRO A 13 12.28 -1.38 -15.00
C PRO A 13 13.42 -2.35 -14.72
N LEU A 14 13.66 -2.64 -13.44
CA LEU A 14 14.76 -3.52 -13.07
C LEU A 14 14.45 -5.01 -13.02
N PHE A 15 13.21 -5.39 -13.36
CA PHE A 15 12.87 -6.82 -13.33
C PHE A 15 12.16 -7.31 -14.57
N GLU A 16 10.86 -7.00 -14.70
CA GLU A 16 10.12 -7.45 -15.86
C GLU A 16 10.68 -6.93 -17.18
N LYS A 17 11.08 -5.67 -17.21
CA LYS A 17 11.61 -5.11 -18.44
C LYS A 17 12.96 -5.66 -18.88
N LYS A 18 13.65 -6.37 -18.01
CA LYS A 18 14.91 -6.96 -18.40
C LYS A 18 14.85 -8.48 -18.16
N SER A 19 13.64 -8.95 -17.92
CA SER A 19 13.37 -10.35 -17.68
C SER A 19 14.08 -10.93 -16.46
N LEU A 20 14.29 -10.13 -15.43
CA LEU A 20 14.92 -10.64 -14.23
C LEU A 20 13.79 -10.91 -13.25
N GLU A 21 14.04 -11.80 -12.30
CA GLU A 21 13.01 -12.17 -11.32
C GLU A 21 13.50 -11.83 -9.92
N ASP A 22 12.62 -11.33 -9.05
CA ASP A 22 13.03 -10.99 -7.69
C ASP A 22 13.02 -12.21 -6.77
N LYS A 23 13.76 -12.11 -5.67
CA LYS A 23 13.91 -13.18 -4.68
C LYS A 23 12.68 -14.03 -4.36
N THR A 24 11.52 -13.40 -4.20
CA THR A 24 10.34 -14.17 -3.81
C THR A 24 9.08 -14.11 -4.67
N GLU A 25 9.11 -13.50 -5.84
CA GLU A 25 7.90 -13.45 -6.65
C GLU A 25 7.43 -14.85 -7.01
N ARG A 26 8.33 -15.81 -6.93
CA ARG A 26 8.03 -17.20 -7.24
C ARG A 26 7.00 -17.73 -6.23
N GLU A 27 7.05 -17.19 -5.01
CA GLU A 27 6.14 -17.61 -3.95
C GLU A 27 4.70 -17.29 -4.33
N LEU A 28 4.49 -16.11 -4.91
CA LEU A 28 3.15 -15.67 -5.31
C LEU A 28 2.56 -16.52 -6.42
N LEU A 29 3.31 -16.71 -7.50
CA LEU A 29 2.85 -17.47 -8.66
C LEU A 29 2.55 -18.93 -8.35
N GLU A 30 3.25 -19.50 -7.37
CA GLU A 30 3.01 -20.89 -7.04
C GLU A 30 1.77 -21.04 -6.17
N SER A 31 1.18 -19.92 -5.76
CA SER A 31 -0.01 -19.98 -4.93
C SER A 31 -1.26 -19.78 -5.77
N TYR A 32 -1.08 -19.37 -7.01
CA TYR A 32 -2.20 -19.14 -7.92
C TYR A 32 -2.47 -20.47 -8.63
N ILE A 33 -3.05 -21.41 -7.92
CA ILE A 33 -3.33 -22.75 -8.44
C ILE A 33 -4.72 -22.94 -9.06
N ASP A 34 -4.97 -22.37 -10.24
CA ASP A 34 -6.28 -22.54 -10.86
C ASP A 34 -6.37 -23.87 -11.62
N ILE B 1 6.18 -3.43 8.80
CA ILE B 1 6.09 -4.89 8.48
C ILE B 1 6.76 -5.74 9.54
N VAL B 2 6.05 -6.76 10.00
CA VAL B 2 6.53 -7.69 11.01
C VAL B 2 6.89 -9.04 10.38
N GLU B 3 8.04 -9.58 10.71
CA GLU B 3 8.49 -10.87 10.18
C GLU B 3 8.67 -10.86 8.67
N GLY B 4 9.11 -9.73 8.14
CA GLY B 4 9.34 -9.60 6.71
C GLY B 4 10.83 -9.54 6.44
N SER B 5 11.22 -8.91 5.34
CA SER B 5 12.62 -8.79 4.99
C SER B 5 12.88 -7.56 4.13
N ASP B 6 14.16 -7.21 4.00
CA ASP B 6 14.55 -6.04 3.20
C ASP B 6 14.21 -6.19 1.75
N ALA B 7 13.50 -5.21 1.20
CA ALA B 7 13.15 -5.23 -0.20
C ALA B 7 14.42 -5.09 -1.02
N GLU B 8 14.42 -5.58 -2.25
CA GLU B 8 15.60 -5.39 -3.08
C GLU B 8 15.38 -4.11 -3.89
N ILE B 9 16.47 -3.52 -4.38
CA ILE B 9 16.37 -2.26 -5.12
C ILE B 9 15.42 -2.30 -6.31
N GLY B 10 14.52 -1.33 -6.37
CA GLY B 10 13.56 -1.25 -7.47
C GLY B 10 12.48 -2.31 -7.48
N MET B 11 12.31 -2.98 -6.34
CA MET B 11 11.31 -4.03 -6.23
C MET B 11 9.87 -3.48 -6.20
N SER B 12 9.70 -2.29 -5.61
CA SER B 12 8.39 -1.64 -5.53
C SER B 12 8.53 -0.20 -5.98
N PRO B 13 8.75 0.03 -7.28
CA PRO B 13 8.91 1.39 -7.83
C PRO B 13 7.68 2.30 -7.69
N TRP B 14 6.60 1.79 -7.13
CA TRP B 14 5.38 2.59 -6.97
C TRP B 14 5.17 2.98 -5.50
N GLN B 15 5.96 2.38 -4.61
CA GLN B 15 5.87 2.67 -3.19
C GLN B 15 6.09 4.16 -2.96
N VAL B 16 5.25 4.75 -2.12
CA VAL B 16 5.34 6.16 -1.81
C VAL B 16 5.40 6.43 -0.31
N MET B 17 6.14 7.45 0.08
CA MET B 17 6.23 7.80 1.49
C MET B 17 5.48 9.10 1.76
N LEU B 18 4.52 9.03 2.67
CA LEU B 18 3.73 10.20 3.06
C LEU B 18 4.57 10.85 4.14
N PHE B 19 5.13 12.01 3.85
CA PHE B 19 6.00 12.67 4.83
C PHE B 19 5.43 13.99 5.35
N ARG B 20 5.57 14.20 6.65
CA ARG B 20 5.09 15.42 7.29
C ARG B 20 6.15 16.51 7.33
N LYS B 21 5.73 17.73 7.04
CA LYS B 21 6.65 18.87 7.04
C LYS B 21 7.14 19.21 8.44
N SER B 22 6.22 19.39 9.37
CA SER B 22 6.61 19.74 10.74
C SER B 22 5.74 19.12 11.81
N PRO B 23 6.32 18.26 12.66
CA PRO B 23 7.74 17.89 12.58
C PRO B 23 7.99 16.88 11.46
N GLN B 24 9.23 16.81 10.97
CA GLN B 24 9.57 15.89 9.90
C GLN B 24 9.51 14.46 10.39
N GLU B 25 8.55 13.70 9.86
CA GLU B 25 8.37 12.32 10.25
C GLU B 25 7.56 11.54 9.23
N LEU B 26 7.70 10.22 9.28
CA LEU B 26 6.97 9.34 8.40
C LEU B 26 5.53 9.44 8.86
N LEU B 27 4.62 9.55 7.90
CA LEU B 27 3.21 9.64 8.23
C LEU B 27 2.44 8.43 7.73
N CYS B 28 2.80 7.93 6.56
CA CYS B 28 2.09 6.80 5.97
C CYS B 28 2.74 6.31 4.69
N GLY B 29 2.24 5.17 4.20
CA GLY B 29 2.71 4.60 2.95
C GLY B 29 1.67 5.00 1.92
N ALA B 30 1.97 4.82 0.64
CA ALA B 30 1.03 5.18 -0.43
C ALA B 30 1.54 4.56 -1.73
N SER B 31 0.88 4.86 -2.86
CA SER B 31 1.31 4.30 -4.13
C SER B 31 1.05 5.19 -5.34
N LEU B 32 1.93 5.07 -6.34
CA LEU B 32 1.82 5.86 -7.55
C LEU B 32 1.04 5.06 -8.60
N ILE B 33 -0.06 5.63 -9.09
CA ILE B 33 -0.87 4.94 -10.10
C ILE B 33 -0.78 5.57 -11.49
N SER B 34 -0.20 6.76 -11.55
CA SER B 34 0.02 7.49 -12.81
C SER B 34 1.05 8.55 -12.46
N ASP B 35 1.38 9.43 -13.41
CA ASP B 35 2.38 10.45 -13.15
C ASP B 35 1.91 11.59 -12.24
N ARG B 36 0.60 11.71 -12.07
CA ARG B 36 0.05 12.79 -11.26
C ARG B 36 -0.87 12.39 -10.11
N TRP B 37 -1.04 11.09 -9.88
CA TRP B 37 -1.94 10.64 -8.81
C TRP B 37 -1.39 9.61 -7.83
N VAL B 38 -1.63 9.87 -6.55
CA VAL B 38 -1.17 8.98 -5.48
C VAL B 38 -2.36 8.45 -4.71
N LEU B 39 -2.35 7.15 -4.45
CA LEU B 39 -3.43 6.50 -3.71
C LEU B 39 -2.96 6.13 -2.31
N THR B 40 -3.82 6.33 -1.32
CA THR B 40 -3.49 6.01 0.06
C THR B 40 -4.75 5.75 0.87
N ALA B 41 -4.61 5.50 2.16
CA ALA B 41 -5.74 5.25 3.03
C ALA B 41 -6.27 6.58 3.57
N ALA B 42 -7.59 6.75 3.60
CA ALA B 42 -8.18 7.99 4.10
C ALA B 42 -7.78 8.31 5.55
N HIS B 43 -7.71 7.30 6.41
CA HIS B 43 -7.35 7.57 7.81
C HIS B 43 -5.97 8.21 8.00
N CYS B 44 -5.12 8.16 6.97
CA CYS B 44 -3.80 8.78 7.03
C CYS B 44 -3.97 10.29 7.03
N LEU B 45 -5.05 10.75 6.41
CA LEU B 45 -5.32 12.17 6.29
C LEU B 45 -6.34 12.68 7.30
N LEU B 46 -7.41 11.91 7.50
CA LEU B 46 -8.47 12.31 8.40
C LEU B 46 -8.81 11.23 9.42
N TYR B 47 -8.83 11.61 10.69
CA TYR B 47 -9.16 10.67 11.76
C TYR B 47 -9.39 11.40 13.08
N PRO B 48 -10.58 12.00 13.24
CA PRO B 48 -11.06 12.78 14.39
C PRO B 48 -10.74 12.17 15.76
N PRO B 49 -10.86 10.85 15.90
CA PRO B 49 -10.55 10.24 17.19
C PRO B 49 -9.15 10.56 17.71
N TRP B 50 -8.25 10.96 16.81
CA TRP B 50 -6.89 11.32 17.21
C TRP B 50 -6.57 12.72 16.74
N ASP B 51 -7.60 13.53 16.54
CA ASP B 51 -7.44 14.91 16.09
C ASP B 51 -6.61 15.04 14.82
N LYS B 52 -6.53 13.97 14.05
CA LYS B 52 -5.78 13.97 12.81
C LYS B 52 -6.64 14.51 11.68
N ASN B 53 -6.25 15.65 11.11
CA ASN B 53 -6.98 16.28 10.01
C ASN B 53 -6.03 17.14 9.18
N PHE B 54 -5.16 16.49 8.40
CA PHE B 54 -4.18 17.18 7.58
C PHE B 54 -4.73 17.82 6.29
N THR B 55 -3.99 18.81 5.80
CA THR B 55 -4.34 19.55 4.58
C THR B 55 -3.22 19.34 3.55
N GLU B 56 -3.44 19.80 2.32
CA GLU B 56 -2.45 19.67 1.26
C GLU B 56 -1.10 20.30 1.60
N ASN B 57 -1.12 21.40 2.34
CA ASN B 57 0.11 22.09 2.70
C ASN B 57 0.83 21.51 3.91
N ASP B 58 0.23 20.51 4.55
CA ASP B 58 0.85 19.87 5.71
C ASP B 58 1.80 18.75 5.35
N LEU B 59 1.68 18.23 4.13
CA LEU B 59 2.50 17.10 3.73
C LEU B 59 3.31 17.21 2.44
N LEU B 60 4.23 16.28 2.30
CA LEU B 60 5.07 16.18 1.13
C LEU B 60 5.06 14.71 0.71
N VAL B 61 5.19 14.48 -0.59
CA VAL B 61 5.23 13.12 -1.12
C VAL B 61 6.66 12.79 -1.53
N ARG B 62 7.18 11.66 -1.05
CA ARG B 62 8.53 11.22 -1.39
C ARG B 62 8.48 9.90 -2.16
N ILE B 63 8.87 9.95 -3.43
CA ILE B 63 8.84 8.80 -4.32
C ILE B 63 10.23 8.23 -4.67
N GLY B 64 10.28 6.94 -4.99
CA GLY B 64 11.53 6.29 -5.36
C GLY B 64 12.48 5.96 -4.23
N LYS B 65 11.98 5.95 -2.99
CA LYS B 65 12.83 5.68 -1.84
C LYS B 65 13.06 4.22 -1.50
N HIS B 66 14.14 3.96 -0.77
CA HIS B 66 14.49 2.62 -0.33
C HIS B 66 14.79 2.75 1.15
N SER B 67 15.71 3.66 1.47
CA SER B 67 16.06 3.92 2.86
C SER B 67 14.91 4.67 3.50
N ARG B 68 14.74 4.48 4.80
CA ARG B 68 13.66 5.10 5.53
C ARG B 68 13.94 6.52 5.99
N THR B 69 15.16 6.78 6.44
CA THR B 69 15.53 8.09 6.96
C THR B 69 16.46 8.98 6.14
N ARG B 70 17.22 8.40 5.22
CA ARG B 70 18.15 9.19 4.41
C ARG B 70 17.47 9.92 3.26
N TYR B 71 18.03 11.07 2.87
CA TYR B 71 17.50 11.81 1.73
C TYR B 71 18.30 11.27 0.54
N GLU B 72 17.78 10.21 -0.07
CA GLU B 72 18.44 9.54 -1.18
C GLU B 72 18.59 10.43 -2.42
N ARG B 73 19.66 11.23 -2.38
CA ARG B 73 20.00 12.17 -3.44
C ARG B 73 20.13 11.54 -4.82
N ASN B 74 19.57 12.22 -5.81
CA ASN B 74 19.60 11.77 -7.20
C ASN B 74 18.75 10.52 -7.48
N ILE B 75 18.01 10.07 -6.48
CA ILE B 75 17.17 8.89 -6.68
C ILE B 75 15.71 9.18 -6.38
N GLU B 76 15.43 9.59 -5.15
CA GLU B 76 14.05 9.90 -4.77
C GLU B 76 13.62 11.26 -5.30
N LYS B 77 12.32 11.47 -5.36
CA LYS B 77 11.76 12.74 -5.82
C LYS B 77 10.69 13.16 -4.82
N ILE B 78 10.61 14.45 -4.56
CA ILE B 78 9.63 14.97 -3.62
C ILE B 78 8.61 15.82 -4.37
N SER B 79 7.34 15.64 -4.05
CA SER B 79 6.27 16.39 -4.69
C SER B 79 5.33 17.03 -3.68
N MET B 80 4.77 18.16 -4.07
CA MET B 80 3.85 18.89 -3.22
C MET B 80 2.46 18.54 -3.72
N LEU B 81 1.50 18.48 -2.82
CA LEU B 81 0.14 18.14 -3.19
C LEU B 81 -0.64 19.34 -3.70
N GLU B 82 -1.42 19.13 -4.74
CA GLU B 82 -2.22 20.21 -5.30
C GLU B 82 -3.65 20.11 -4.79
N LYS B 83 -4.05 18.92 -4.34
CA LYS B 83 -5.40 18.72 -3.83
C LYS B 83 -5.57 17.31 -3.24
N ILE B 84 -6.47 17.19 -2.28
CA ILE B 84 -6.75 15.90 -1.65
C ILE B 84 -8.22 15.53 -1.77
N TYR B 85 -8.51 14.25 -1.96
CA TYR B 85 -9.88 13.80 -2.08
C TYR B 85 -10.16 12.59 -1.20
N ILE B 86 -10.99 12.78 -0.19
CA ILE B 86 -11.35 11.71 0.72
C ILE B 86 -12.67 11.15 0.22
N HIS B 87 -12.85 9.84 0.27
CA HIS B 87 -14.11 9.28 -0.17
C HIS B 87 -15.21 9.84 0.73
N PRO B 88 -16.26 10.42 0.13
CA PRO B 88 -17.41 11.01 0.84
C PRO B 88 -18.13 10.12 1.85
N ARG B 89 -18.06 8.81 1.69
CA ARG B 89 -18.72 7.93 2.62
C ARG B 89 -17.74 7.13 3.47
N TYR B 90 -16.57 7.71 3.69
CA TYR B 90 -15.53 7.10 4.51
C TYR B 90 -16.06 7.12 5.94
N ASN B 91 -16.23 5.95 6.53
CA ASN B 91 -16.79 5.83 7.88
C ASN B 91 -15.71 5.71 8.96
N TRP B 92 -15.16 6.83 9.38
CA TRP B 92 -14.13 6.79 10.42
C TRP B 92 -14.75 6.53 11.78
N ARG B 93 -16.07 6.73 11.86
CA ARG B 93 -16.80 6.54 13.11
C ARG B 93 -17.00 5.10 13.56
N GLU B 94 -17.29 4.19 12.64
CA GLU B 94 -17.52 2.80 13.01
C GLU B 94 -16.40 1.79 12.77
N ASN B 95 -16.23 1.41 11.52
CA ASN B 95 -15.26 0.39 11.13
C ASN B 95 -14.26 0.77 10.04
N LEU B 96 -14.05 2.07 9.81
CA LEU B 96 -13.11 2.51 8.80
C LEU B 96 -13.52 2.00 7.41
N ASP B 97 -14.83 1.96 7.17
CA ASP B 97 -15.37 1.50 5.89
C ASP B 97 -14.99 2.51 4.80
N ARG B 98 -14.60 2.00 3.63
CA ARG B 98 -14.19 2.85 2.51
C ARG B 98 -12.99 3.72 2.87
N ASP B 99 -11.98 3.08 3.45
CA ASP B 99 -10.76 3.77 3.86
C ASP B 99 -9.88 4.01 2.63
N ILE B 100 -10.15 5.11 1.93
CA ILE B 100 -9.41 5.41 0.72
C ILE B 100 -9.40 6.91 0.40
N ALA B 101 -8.32 7.35 -0.26
CA ALA B 101 -8.16 8.74 -0.63
C ALA B 101 -7.16 8.89 -1.78
N LEU B 102 -7.45 9.85 -2.65
CA LEU B 102 -6.60 10.14 -3.81
C LEU B 102 -5.89 11.47 -3.58
N MET B 103 -4.64 11.55 -4.06
CA MET B 103 -3.85 12.76 -3.93
C MET B 103 -3.31 13.20 -5.28
N LYS B 104 -3.58 14.46 -5.61
CA LYS B 104 -3.17 15.07 -6.87
C LYS B 104 -1.86 15.85 -6.71
N LEU B 105 -0.82 15.38 -7.39
CA LEU B 105 0.49 16.03 -7.34
C LEU B 105 0.46 17.36 -8.08
N LYS B 106 1.21 18.34 -7.58
CA LYS B 106 1.25 19.65 -8.22
C LYS B 106 1.78 19.55 -9.65
N LYS B 107 2.79 18.71 -9.84
CA LYS B 107 3.40 18.50 -11.16
C LYS B 107 3.70 17.03 -11.36
N PRO B 108 3.62 16.55 -12.61
CA PRO B 108 3.89 15.15 -12.90
C PRO B 108 5.32 14.81 -12.50
N VAL B 109 5.58 13.54 -12.21
CA VAL B 109 6.93 13.14 -11.85
C VAL B 109 7.46 12.26 -12.97
N ALA B 110 8.73 12.43 -13.30
CA ALA B 110 9.34 11.62 -14.35
C ALA B 110 9.67 10.24 -13.81
N PHE B 111 9.29 9.21 -14.58
CA PHE B 111 9.57 7.84 -14.18
C PHE B 111 11.04 7.51 -14.34
N SER B 112 11.45 6.38 -13.77
CA SER B 112 12.85 5.95 -13.85
C SER B 112 12.96 4.52 -13.35
N ASP B 113 14.18 4.04 -13.23
CA ASP B 113 14.43 2.70 -12.75
C ASP B 113 13.76 2.47 -11.41
N TYR B 114 13.70 3.52 -10.59
CA TYR B 114 13.11 3.41 -9.26
C TYR B 114 11.73 4.02 -9.08
N ILE B 115 11.18 4.61 -10.13
CA ILE B 115 9.85 5.24 -10.06
C ILE B 115 8.97 4.78 -11.21
N HIS B 116 8.03 3.89 -10.92
CA HIS B 116 7.12 3.37 -11.94
C HIS B 116 5.76 3.13 -11.29
N PRO B 117 4.68 3.35 -12.02
CA PRO B 117 3.33 3.15 -11.48
C PRO B 117 2.83 1.71 -11.52
N VAL B 118 1.96 1.38 -10.56
CA VAL B 118 1.39 0.04 -10.49
C VAL B 118 0.09 0.09 -11.27
N CYS B 119 -0.46 -1.06 -11.62
CA CYS B 119 -1.69 -1.08 -12.37
C CYS B 119 -2.89 -1.20 -11.42
N LEU B 120 -4.01 -0.63 -11.84
CA LEU B 120 -5.27 -0.70 -11.10
C LEU B 120 -6.00 -1.89 -11.69
N PRO B 121 -6.60 -2.74 -10.84
CA PRO B 121 -7.32 -3.90 -11.37
C PRO B 121 -8.62 -3.57 -12.11
N ASP B 122 -8.97 -4.43 -13.05
CA ASP B 122 -10.22 -4.34 -13.80
C ASP B 122 -11.00 -5.54 -13.31
N ARG B 123 -12.29 -5.61 -13.62
CA ARG B 123 -13.12 -6.71 -13.13
C ARG B 123 -12.55 -8.13 -13.37
N GLU B 124 -12.05 -8.40 -14.57
CA GLU B 124 -11.52 -9.72 -14.88
C GLU B 124 -10.32 -10.08 -13.99
N THR B 125 -9.37 -9.17 -13.89
CA THR B 125 -8.19 -9.40 -13.06
C THR B 125 -8.56 -9.62 -11.60
N ALA B 126 -9.38 -8.72 -11.07
CA ALA B 126 -9.79 -8.82 -9.68
C ALA B 126 -10.49 -10.15 -9.42
N ALA B 127 -11.42 -10.51 -10.31
CA ALA B 127 -12.18 -11.74 -10.18
C ALA B 127 -11.28 -12.96 -10.17
N SER B 128 -10.28 -12.94 -11.04
CA SER B 128 -9.37 -14.06 -11.14
C SER B 128 -8.31 -14.21 -10.05
N LEU B 129 -7.92 -13.11 -9.41
CA LEU B 129 -6.86 -13.19 -8.41
C LEU B 129 -7.29 -13.05 -6.96
N LEU B 130 -8.40 -12.38 -6.73
CA LEU B 130 -8.87 -12.18 -5.36
C LEU B 130 -9.52 -13.46 -4.81
N GLN B 131 -8.68 -14.43 -4.48
CA GLN B 131 -9.13 -15.73 -3.97
C GLN B 131 -8.33 -16.18 -2.75
N ALA B 132 -9.01 -16.83 -1.80
CA ALA B 132 -8.35 -17.31 -0.58
C ALA B 132 -7.22 -18.27 -0.92
N GLY B 133 -6.10 -18.14 -0.23
CA GLY B 133 -4.96 -19.01 -0.49
C GLY B 133 -3.95 -18.36 -1.42
N TYR B 134 -4.42 -17.45 -2.28
CA TYR B 134 -3.54 -16.74 -3.20
C TYR B 134 -2.78 -15.69 -2.38
N LYS B 135 -1.48 -15.62 -2.58
CA LYS B 135 -0.66 -14.67 -1.83
C LYS B 135 -0.45 -13.32 -2.50
N GLY B 136 -0.28 -12.30 -1.66
CA GLY B 136 -0.05 -10.95 -2.12
C GLY B 136 1.17 -10.38 -1.42
N ARG B 137 1.58 -9.18 -1.82
CA ARG B 137 2.76 -8.55 -1.24
C ARG B 137 2.45 -7.16 -0.67
N VAL B 138 2.88 -6.95 0.57
CA VAL B 138 2.69 -5.68 1.27
C VAL B 138 4.07 -5.12 1.59
N THR B 139 4.23 -3.82 1.41
CA THR B 139 5.51 -3.18 1.67
C THR B 139 5.36 -1.94 2.55
N GLY B 140 6.39 -1.67 3.35
CA GLY B 140 6.30 -0.51 4.22
C GLY B 140 7.55 -0.27 5.04
N TRP B 141 7.58 0.90 5.66
CA TRP B 141 8.69 1.31 6.49
C TRP B 141 8.25 1.33 7.94
N GLY B 142 7.05 0.82 8.21
CA GLY B 142 6.52 0.80 9.55
C GLY B 142 7.20 -0.11 10.54
N ASN B 143 6.71 -0.08 11.77
CA ASN B 143 7.23 -0.88 12.88
C ASN B 143 7.43 -2.35 12.54
N LEU B 144 8.45 -2.95 13.13
CA LEU B 144 8.78 -4.35 12.90
C LEU B 144 8.14 -5.28 13.94
N LYS B 145 7.63 -4.70 15.01
CA LYS B 145 6.98 -5.49 16.05
C LYS B 145 5.92 -4.64 16.72
N GLU B 146 4.95 -5.28 17.37
CA GLU B 146 3.87 -4.55 18.02
C GLU B 146 4.38 -3.71 19.21
N THR B 147 4.03 -2.43 19.21
CA THR B 147 4.46 -1.52 20.26
C THR B 147 3.28 -1.13 21.16
N GLY B 155 13.28 -0.35 16.89
CA GLY B 155 11.86 -0.23 16.60
C GLY B 155 11.54 -0.22 15.12
N GLN B 156 11.95 0.83 14.42
CA GLN B 156 11.71 0.95 12.98
C GLN B 156 12.79 0.28 12.16
N PRO B 157 12.48 -0.06 10.90
CA PRO B 157 13.43 -0.72 10.00
C PRO B 157 14.31 0.34 9.35
N SER B 158 15.51 -0.06 8.96
CA SER B 158 16.42 0.86 8.33
C SER B 158 16.01 1.06 6.88
N VAL B 159 15.59 -0.05 6.26
CA VAL B 159 15.20 -0.03 4.87
C VAL B 159 13.78 -0.56 4.63
N LEU B 160 13.27 -0.35 3.43
CA LEU B 160 11.92 -0.81 3.07
C LEU B 160 11.73 -2.30 3.30
N GLN B 161 10.66 -2.66 3.99
CA GLN B 161 10.37 -4.06 4.28
C GLN B 161 9.27 -4.60 3.39
N VAL B 162 9.39 -5.89 3.06
CA VAL B 162 8.44 -6.56 2.19
C VAL B 162 8.03 -7.87 2.81
N VAL B 163 6.78 -8.27 2.61
CA VAL B 163 6.30 -9.55 3.12
C VAL B 163 5.18 -10.06 2.22
N ASN B 164 5.15 -11.37 2.00
CA ASN B 164 4.13 -12.00 1.17
C ASN B 164 3.10 -12.67 2.08
N LEU B 165 1.82 -12.37 1.86
CA LEU B 165 0.77 -12.92 2.70
C LEU B 165 -0.39 -13.51 1.91
N PRO B 166 -1.03 -14.55 2.44
CA PRO B 166 -2.15 -15.19 1.77
C PRO B 166 -3.49 -14.55 2.16
N ILE B 167 -4.38 -14.41 1.18
CA ILE B 167 -5.70 -13.85 1.39
C ILE B 167 -6.47 -14.88 2.20
N VAL B 168 -7.38 -14.42 3.05
CA VAL B 168 -8.14 -15.32 3.92
C VAL B 168 -9.64 -15.35 3.60
N GLU B 169 -10.27 -16.49 3.85
CA GLU B 169 -11.69 -16.68 3.62
C GLU B 169 -12.47 -15.62 4.40
N ARG B 170 -13.50 -15.06 3.79
CA ARG B 170 -14.31 -14.03 4.48
C ARG B 170 -14.75 -14.49 5.89
N PRO B 171 -15.38 -15.66 6.00
CA PRO B 171 -15.85 -16.21 7.28
C PRO B 171 -14.80 -16.14 8.40
N VAL B 172 -13.61 -16.64 8.11
CA VAL B 172 -12.52 -16.63 9.07
C VAL B 172 -12.21 -15.19 9.49
N CYS B 173 -12.18 -14.28 8.52
CA CYS B 173 -11.92 -12.87 8.80
C CYS B 173 -12.98 -12.33 9.75
N LYS B 174 -14.24 -12.64 9.44
CA LYS B 174 -15.36 -12.18 10.24
C LYS B 174 -15.35 -12.69 11.68
N ASP B 175 -15.06 -13.97 11.86
CA ASP B 175 -15.02 -14.57 13.20
C ASP B 175 -13.75 -14.27 14.01
N SER B 176 -12.91 -13.38 13.50
CA SER B 176 -11.68 -13.04 14.20
C SER B 176 -11.74 -11.71 14.94
N THR B 177 -12.82 -10.96 14.73
CA THR B 177 -12.95 -9.65 15.37
C THR B 177 -14.39 -9.28 15.70
N ARG B 178 -14.55 -8.21 16.46
CA ARG B 178 -15.86 -7.71 16.86
C ARG B 178 -16.21 -6.54 15.97
N ILE B 179 -15.27 -6.16 15.13
CA ILE B 179 -15.47 -5.06 14.19
C ILE B 179 -16.34 -5.51 13.02
N ARG B 180 -17.35 -4.70 12.69
CA ARG B 180 -18.25 -5.01 11.59
C ARG B 180 -17.54 -4.94 10.23
N ILE B 181 -17.35 -6.09 9.61
CA ILE B 181 -16.67 -6.18 8.31
C ILE B 181 -17.62 -5.86 7.15
N THR B 182 -17.13 -5.10 6.17
CA THR B 182 -17.97 -4.77 5.02
C THR B 182 -17.38 -5.41 3.77
N ASP B 183 -18.08 -5.24 2.65
CA ASP B 183 -17.63 -5.77 1.37
C ASP B 183 -16.52 -4.93 0.76
N ASN B 184 -16.28 -3.76 1.36
CA ASN B 184 -15.24 -2.87 0.86
C ASN B 184 -13.90 -3.16 1.51
N MET B 185 -13.80 -4.32 2.13
CA MET B 185 -12.54 -4.69 2.76
C MET B 185 -12.36 -6.20 2.71
N PHE B 186 -11.12 -6.65 2.82
CA PHE B 186 -10.81 -8.08 2.84
C PHE B 186 -9.64 -8.21 3.84
N CYS B 187 -9.34 -9.42 4.28
CA CYS B 187 -8.25 -9.60 5.23
C CYS B 187 -7.22 -10.64 4.76
N ALA B 188 -5.99 -10.50 5.24
CA ALA B 188 -4.91 -11.40 4.86
C ALA B 188 -3.92 -11.71 6.00
N GLY B 189 -3.37 -12.92 5.95
CA GLY B 189 -2.41 -13.35 6.96
C GLY B 189 -2.41 -14.86 7.07
N TYR B 190 -1.43 -15.39 7.79
CA TYR B 190 -1.35 -16.83 8.00
C TYR B 190 -2.19 -17.24 9.20
N LYS B 191 -2.70 -18.46 9.16
CA LYS B 191 -3.48 -18.99 10.27
C LYS B 191 -2.47 -19.53 11.26
N PRO B 192 -2.87 -19.68 12.53
CA PRO B 192 -2.06 -20.18 13.64
C PRO B 192 -1.27 -21.45 13.39
N ASP B 193 -1.92 -22.43 12.76
CA ASP B 193 -1.26 -23.71 12.49
C ASP B 193 -0.31 -23.68 11.30
N GLU B 194 -0.59 -22.82 10.32
CA GLU B 194 0.23 -22.70 9.11
C GLU B 194 1.72 -22.48 9.34
N GLY B 195 2.14 -22.33 10.59
CA GLY B 195 3.54 -22.17 10.89
C GLY B 195 4.16 -20.82 10.58
N LYS B 196 3.99 -20.34 9.35
CA LYS B 196 4.55 -19.05 8.96
C LYS B 196 3.72 -17.91 9.55
N ARG B 197 4.29 -16.71 9.54
CA ARG B 197 3.59 -15.54 10.06
C ARG B 197 3.96 -14.25 9.32
N GLY B 198 3.51 -13.10 9.83
CA GLY B 198 3.80 -11.84 9.19
C GLY B 198 2.56 -10.95 9.16
N ASP B 199 2.76 -9.64 9.07
CA ASP B 199 1.65 -8.69 9.07
C ASP B 199 2.14 -7.26 8.85
N ALA B 200 1.20 -6.34 8.59
CA ALA B 200 1.54 -4.93 8.44
C ALA B 200 1.41 -4.41 9.87
N CYS B 201 1.78 -3.16 10.12
CA CYS B 201 1.69 -2.64 11.46
C CYS B 201 1.64 -1.12 11.42
N GLU B 202 1.71 -0.47 12.57
CA GLU B 202 1.68 0.99 12.61
C GLU B 202 2.74 1.53 11.66
N GLY B 203 2.42 2.60 10.94
CA GLY B 203 3.38 3.17 10.02
C GLY B 203 3.30 2.60 8.62
N ASP B 204 2.64 1.46 8.48
CA ASP B 204 2.46 0.83 7.19
C ASP B 204 1.18 1.35 6.49
N SER B 205 0.30 1.98 7.26
CA SER B 205 -0.97 2.54 6.75
C SER B 205 -0.87 3.21 5.40
N GLY B 206 -1.80 2.88 4.50
CA GLY B 206 -1.82 3.48 3.17
C GLY B 206 -0.95 2.76 2.18
N GLY B 207 -0.19 1.78 2.68
CA GLY B 207 0.67 1.00 1.82
C GLY B 207 -0.12 0.11 0.89
N PRO B 208 0.47 -0.31 -0.23
CA PRO B 208 -0.20 -1.17 -1.20
C PRO B 208 -0.07 -2.66 -0.96
N PHE B 209 -1.15 -3.37 -1.27
CA PHE B 209 -1.18 -4.82 -1.20
C PHE B 209 -1.27 -5.13 -2.70
N VAL B 210 -0.26 -5.79 -3.24
CA VAL B 210 -0.26 -6.06 -4.66
C VAL B 210 -0.13 -7.54 -5.03
N MET B 211 -0.45 -7.84 -6.27
CA MET B 211 -0.36 -9.20 -6.79
C MET B 211 0.15 -9.11 -8.22
N LYS B 212 0.84 -10.15 -8.67
CA LYS B 212 1.37 -10.19 -10.02
C LYS B 212 0.50 -11.12 -10.85
N SER B 213 0.02 -10.64 -11.98
CA SER B 213 -0.81 -11.44 -12.86
C SER B 213 -0.01 -12.50 -13.62
N PRO B 214 -0.51 -13.74 -13.64
CA PRO B 214 0.17 -14.83 -14.34
C PRO B 214 -0.21 -14.82 -15.81
N PHE B 215 -1.14 -13.94 -16.18
CA PHE B 215 -1.61 -13.86 -17.56
C PHE B 215 -0.81 -12.87 -18.40
N ASN B 216 -0.47 -11.72 -17.82
CA ASN B 216 0.27 -10.69 -18.55
C ASN B 216 1.50 -10.19 -17.79
N ASN B 217 1.78 -10.79 -16.63
CA ASN B 217 2.94 -10.43 -15.81
C ASN B 217 2.97 -9.05 -15.18
N ARG B 218 1.88 -8.31 -15.25
CA ARG B 218 1.87 -6.99 -14.65
C ARG B 218 1.52 -7.07 -13.16
N TRP B 219 2.00 -6.08 -12.40
CA TRP B 219 1.71 -6.02 -10.98
C TRP B 219 0.44 -5.21 -10.79
N TYR B 220 -0.45 -5.69 -9.94
CA TYR B 220 -1.70 -4.98 -9.68
C TYR B 220 -1.87 -4.72 -8.19
N GLN B 221 -2.42 -3.55 -7.85
CA GLN B 221 -2.66 -3.21 -6.46
C GLN B 221 -4.11 -3.59 -6.17
N MET B 222 -4.30 -4.58 -5.30
CA MET B 222 -5.64 -5.02 -4.95
C MET B 222 -6.13 -4.35 -3.68
N GLY B 223 -5.20 -3.96 -2.80
CA GLY B 223 -5.60 -3.34 -1.57
C GLY B 223 -4.76 -2.21 -1.01
N ILE B 224 -5.21 -1.68 0.11
CA ILE B 224 -4.52 -0.60 0.80
C ILE B 224 -4.51 -1.03 2.26
N VAL B 225 -3.37 -0.91 2.92
CA VAL B 225 -3.28 -1.27 4.34
C VAL B 225 -4.25 -0.38 5.11
N SER B 226 -5.28 -0.99 5.68
CA SER B 226 -6.29 -0.23 6.41
C SER B 226 -6.19 -0.33 7.93
N TRP B 227 -6.43 -1.53 8.47
CA TRP B 227 -6.36 -1.70 9.92
C TRP B 227 -6.14 -3.12 10.40
N GLY B 228 -5.85 -3.22 11.69
CA GLY B 228 -5.64 -4.51 12.33
C GLY B 228 -5.69 -4.33 13.84
N GLU B 229 -5.72 -5.43 14.57
CA GLU B 229 -5.77 -5.38 16.02
C GLU B 229 -4.46 -5.97 16.55
N GLY B 230 -3.51 -5.09 16.82
CA GLY B 230 -2.20 -5.50 17.27
C GLY B 230 -1.42 -5.77 15.99
N CYS B 231 -0.30 -6.48 16.09
CA CYS B 231 0.49 -6.79 14.90
C CYS B 231 1.01 -8.21 14.98
N ASP B 232 0.60 -9.03 14.02
CA ASP B 232 1.05 -10.41 13.93
C ASP B 232 0.66 -11.30 15.11
N ARG B 233 -0.53 -11.07 15.66
CA ARG B 233 -1.00 -11.90 16.76
C ARG B 233 -1.71 -13.10 16.15
N ASP B 234 -1.56 -14.27 16.77
CA ASP B 234 -2.22 -15.47 16.26
C ASP B 234 -3.73 -15.29 16.35
N GLY B 235 -4.43 -15.70 15.30
CA GLY B 235 -5.88 -15.58 15.29
C GLY B 235 -6.39 -14.22 14.86
N LYS B 236 -5.49 -13.33 14.44
CA LYS B 236 -5.87 -12.00 13.99
C LYS B 236 -5.27 -11.73 12.61
N TYR B 237 -5.95 -10.93 11.81
CA TYR B 237 -5.45 -10.64 10.47
C TYR B 237 -5.51 -9.17 10.10
N GLY B 238 -4.71 -8.79 9.09
CA GLY B 238 -4.72 -7.41 8.65
C GLY B 238 -5.86 -7.19 7.68
N PHE B 239 -6.41 -5.99 7.68
CA PHE B 239 -7.50 -5.68 6.77
C PHE B 239 -7.06 -4.65 5.75
N TYR B 240 -7.47 -4.86 4.51
CA TYR B 240 -7.09 -3.95 3.44
C TYR B 240 -8.30 -3.44 2.69
N THR B 241 -8.20 -2.20 2.21
CA THR B 241 -9.29 -1.63 1.45
C THR B 241 -9.40 -2.38 0.13
N HIS B 242 -10.61 -2.78 -0.22
CA HIS B 242 -10.85 -3.51 -1.45
C HIS B 242 -10.82 -2.51 -2.60
N VAL B 243 -9.63 -2.33 -3.19
CA VAL B 243 -9.48 -1.34 -4.25
C VAL B 243 -10.46 -1.44 -5.42
N PHE B 244 -10.61 -2.62 -6.01
CA PHE B 244 -11.53 -2.73 -7.13
C PHE B 244 -12.95 -2.27 -6.81
N ARG B 245 -13.43 -2.59 -5.62
CA ARG B 245 -14.77 -2.21 -5.20
C ARG B 245 -15.00 -0.70 -5.20
N LEU B 246 -13.92 0.07 -5.10
CA LEU B 246 -14.01 1.53 -5.08
C LEU B 246 -13.41 2.10 -6.36
N LYS B 247 -13.30 1.24 -7.36
CA LYS B 247 -12.73 1.61 -8.65
C LYS B 247 -13.52 2.72 -9.35
N LYS B 248 -14.84 2.68 -9.21
CA LYS B 248 -15.69 3.66 -9.86
C LYS B 248 -15.51 5.07 -9.31
N TRP B 249 -15.30 5.18 -8.01
CA TRP B 249 -15.08 6.48 -7.40
C TRP B 249 -13.73 7.02 -7.83
N ILE B 250 -12.77 6.11 -7.96
CA ILE B 250 -11.42 6.47 -8.35
C ILE B 250 -11.43 7.13 -9.73
N GLN B 251 -12.05 6.44 -10.69
CA GLN B 251 -12.13 6.94 -12.05
C GLN B 251 -12.97 8.20 -12.08
N LYS B 252 -14.08 8.18 -11.34
CA LYS B 252 -14.97 9.32 -11.22
C LYS B 252 -14.15 10.59 -10.98
N VAL B 253 -13.34 10.57 -9.91
CA VAL B 253 -12.50 11.69 -9.54
C VAL B 253 -11.52 12.07 -10.64
N ILE B 254 -10.48 11.25 -10.78
CA ILE B 254 -9.45 11.47 -11.79
C ILE B 254 -10.05 12.01 -13.08
N ASP B 255 -11.07 11.33 -13.57
CA ASP B 255 -11.75 11.70 -14.80
C ASP B 255 -12.19 13.15 -14.89
N GLN B 256 -12.86 13.66 -13.85
CA GLN B 256 -13.34 15.04 -13.87
C GLN B 256 -12.39 16.07 -13.28
N PHE B 257 -11.25 15.62 -12.76
CA PHE B 257 -10.29 16.54 -12.18
C PHE B 257 -8.91 16.39 -12.80
N TYR C 2 15.07 11.35 11.05
CA TYR C 2 15.13 11.50 9.60
C TYR C 2 16.12 12.57 9.15
N GLU C 3 16.74 12.30 8.00
CA GLU C 3 17.71 13.21 7.42
C GLU C 3 16.96 14.38 6.81
N PRO C 4 17.33 15.60 7.21
CA PRO C 4 16.73 16.85 6.73
C PRO C 4 16.49 16.92 5.23
N ILE C 5 15.38 17.52 4.85
CA ILE C 5 15.02 17.68 3.46
C ILE C 5 15.40 19.07 2.99
N GLU C 7 15.46 22.62 1.88
CA GLU C 7 14.49 23.69 2.10
C GLU C 7 13.68 24.02 0.85
N GLU C 8 14.34 23.95 -0.30
CA GLU C 8 13.70 24.24 -1.59
C GLU C 8 12.32 23.62 -1.77
N GLN C 11 9.01 25.13 0.72
CA GLN C 11 8.25 26.32 0.34
C GLN C 11 6.75 26.05 0.26
#